data_9F1A
#
_entry.id   9F1A
#
_cell.length_a   93.019
_cell.length_b   81.756
_cell.length_c   108.112
_cell.angle_alpha   90.000
_cell.angle_beta   90.540
_cell.angle_gamma   90.000
#
_symmetry.space_group_name_H-M   'I 1 2 1'
#
loop_
_entity.id
_entity.type
_entity.pdbx_description
1 polymer 'Bifunctional epoxide hydrolase 2'
2 non-polymer 1-(2,3-dimethoxy-9-methyl-5,6,8,9,10,11-hexahydro-7H-5,9:7,11-dimethanobenzo[9]annulen-7-yl)-3-(1-(tetrahydro-2H-pyran-4-carbonyl)piperidin-4-yl)urea
#
_entity_poly.entity_id   1
_entity_poly.type   'polypeptide(L)'
_entity_poly.pdbx_seq_one_letter_code
;MHHHHHHSTENLYFQGSSTSCNPSDMSHGYVTVKPRVRLHFVELGSGPAVCLCHGFPESWYSWRYQIPALAQAGYRVLAM
DMKGYGESSAPPEIEEYCMEVLCKEMVTFLDKLGLSQAVFIGHDWGGMLVWYMALFYPERVRAVASLNTPFIPANPNMSP
LESIKANPVFDYQLYFQEPGVAEAELEQNLSRTFKSLFRASDESVLSMHKVCEAGGLFVNSPEEPSLSRMVTEEEIQFYV
QQFKKSGFRGPLNWYRNMERNWKWACKSLGRKILIPALMVTAEKDFVLVPQMSQHMEDWIPHLKRGHIEDCGHWTQMDKP
TEVNQILIKWLDSDARNPPVVSKM
;
_entity_poly.pdbx_strand_id   A,B
#
# COMPACT_ATOMS: atom_id res chain seq x y z
N THR A 19 -4.80 3.73 20.07
CA THR A 19 -5.78 2.77 20.57
C THR A 19 -6.82 2.31 19.51
N SER A 20 -7.25 3.17 18.60
CA SER A 20 -8.15 2.76 17.52
C SER A 20 -7.59 3.27 16.19
N CYS A 21 -8.42 3.26 15.16
CA CYS A 21 -7.94 3.48 13.81
C CYS A 21 -9.00 4.21 13.00
N ASN A 22 -8.64 5.34 12.41
CA ASN A 22 -9.59 6.07 11.61
C ASN A 22 -9.40 5.64 10.16
N PRO A 23 -10.40 5.02 9.53
CA PRO A 23 -10.19 4.51 8.15
C PRO A 23 -9.59 5.55 7.20
N SER A 24 -10.12 6.77 7.22
CA SER A 24 -9.60 7.86 6.40
C SER A 24 -8.25 8.39 6.87
N ASP A 25 -7.65 7.78 7.90
CA ASP A 25 -6.27 8.04 8.31
C ASP A 25 -5.38 6.86 7.98
N MET A 26 -5.85 5.94 7.17
CA MET A 26 -5.03 4.78 6.85
C MET A 26 -4.41 4.93 5.49
N SER A 27 -3.36 4.12 5.26
CA SER A 27 -2.85 3.91 3.91
C SER A 27 -3.58 2.70 3.34
N HIS A 28 -4.26 2.90 2.22
CA HIS A 28 -5.15 1.91 1.63
C HIS A 28 -4.46 1.33 0.44
N GLY A 29 -4.41 0.01 0.36
CA GLY A 29 -3.75 -0.68 -0.74
C GLY A 29 -4.64 -1.69 -1.41
N TYR A 30 -4.39 -1.92 -2.69
CA TYR A 30 -5.19 -2.87 -3.44
C TYR A 30 -4.26 -3.67 -4.36
N VAL A 31 -4.63 -4.93 -4.61
CA VAL A 31 -3.82 -5.88 -5.40
C VAL A 31 -4.75 -6.77 -6.21
N THR A 32 -4.61 -6.74 -7.53
CA THR A 32 -5.39 -7.65 -8.36
C THR A 32 -4.68 -9.01 -8.37
N VAL A 33 -5.34 -10.06 -7.89
CA VAL A 33 -4.72 -11.38 -7.95
C VAL A 33 -5.26 -12.21 -9.12
N LYS A 34 -6.41 -11.83 -9.68
CA LYS A 34 -7.05 -12.55 -10.79
C LYS A 34 -8.03 -11.59 -11.44
N PRO A 35 -8.43 -11.86 -12.66
CA PRO A 35 -9.29 -10.89 -13.39
C PRO A 35 -10.42 -10.21 -12.61
N ARG A 36 -11.42 -10.92 -12.09
CA ARG A 36 -12.49 -10.21 -11.42
C ARG A 36 -12.25 -10.05 -9.92
N VAL A 37 -11.00 -10.17 -9.47
CA VAL A 37 -10.67 -10.37 -8.06
C VAL A 37 -9.52 -9.45 -7.66
N ARG A 38 -9.86 -8.35 -6.98
CA ARG A 38 -8.91 -7.41 -6.39
C ARG A 38 -9.03 -7.49 -4.88
N LEU A 39 -7.92 -7.40 -4.16
CA LEU A 39 -7.93 -7.42 -2.70
C LEU A 39 -7.40 -6.13 -2.13
N HIS A 40 -8.15 -5.57 -1.18
CA HIS A 40 -7.82 -4.33 -0.51
C HIS A 40 -7.34 -4.60 0.91
N PHE A 41 -6.46 -3.75 1.39
CA PHE A 41 -5.95 -3.96 2.72
C PHE A 41 -5.55 -2.63 3.34
N VAL A 42 -5.14 -2.69 4.59
CA VAL A 42 -4.72 -1.51 5.27
C VAL A 42 -3.33 -1.79 5.83
N GLU A 43 -2.36 -0.93 5.50
CA GLU A 43 -0.96 -1.11 5.87
C GLU A 43 -0.50 -0.01 6.81
N LEU A 44 0.33 -0.40 7.77
CA LEU A 44 0.93 0.53 8.71
C LEU A 44 2.15 -0.12 9.34
N GLY A 45 3.26 0.61 9.30
CA GLY A 45 4.45 0.23 10.03
C GLY A 45 5.51 -0.35 9.13
N SER A 46 6.68 -0.54 9.72
CA SER A 46 7.83 -1.15 9.07
C SER A 46 8.44 -2.22 9.98
N GLY A 47 9.30 -3.05 9.39
CA GLY A 47 9.84 -4.20 10.07
C GLY A 47 9.28 -5.47 9.43
N PRO A 48 9.38 -6.62 10.10
CA PRO A 48 8.95 -7.88 9.48
C PRO A 48 7.45 -7.86 9.21
N ALA A 49 7.06 -8.40 8.06
CA ALA A 49 5.70 -8.20 7.58
C ALA A 49 4.71 -9.17 8.24
N VAL A 50 3.64 -8.61 8.84
CA VAL A 50 2.59 -9.39 9.48
C VAL A 50 1.29 -9.17 8.73
N CYS A 51 0.57 -10.28 8.51
CA CYS A 51 -0.65 -10.32 7.72
C CYS A 51 -1.80 -10.82 8.57
N LEU A 52 -2.84 -10.02 8.73
CA LEU A 52 -3.96 -10.31 9.62
C LEU A 52 -5.19 -10.62 8.79
N CYS A 53 -5.87 -11.73 9.11
CA CYS A 53 -7.00 -12.24 8.33
C CYS A 53 -8.18 -12.44 9.27
N HIS A 54 -9.29 -11.75 9.00
CA HIS A 54 -10.45 -11.69 9.91
C HIS A 54 -11.41 -12.87 9.75
N GLY A 55 -12.47 -12.90 10.61
CA GLY A 55 -13.50 -13.93 10.63
C GLY A 55 -14.93 -13.54 10.26
N PHE A 56 -15.94 -14.23 10.79
CA PHE A 56 -17.30 -14.07 10.26
C PHE A 56 -18.26 -13.44 11.27
N PRO A 57 -19.15 -12.51 10.84
CA PRO A 57 -19.15 -11.70 9.61
C PRO A 57 -18.47 -10.34 9.82
N GLU A 58 -17.15 -10.20 9.68
CA GLU A 58 -16.40 -9.01 10.14
C GLU A 58 -15.70 -8.20 9.05
N SER A 59 -14.63 -7.46 9.41
CA SER A 59 -13.84 -6.64 8.49
C SER A 59 -12.46 -6.37 9.09
N TRP A 60 -11.56 -5.85 8.25
CA TRP A 60 -10.23 -5.50 8.77
C TRP A 60 -10.37 -4.59 9.96
N TYR A 61 -11.52 -3.90 10.06
CA TYR A 61 -11.75 -2.96 11.15
C TYR A 61 -11.78 -3.66 12.49
N SER A 62 -12.21 -4.92 12.55
CA SER A 62 -12.20 -5.62 13.82
C SER A 62 -10.80 -5.95 14.36
N TRP A 63 -9.72 -5.59 13.66
CA TRP A 63 -8.37 -5.63 14.21
C TRP A 63 -7.91 -4.27 14.70
N ARG A 64 -8.85 -3.34 14.90
CA ARG A 64 -8.49 -1.93 15.07
C ARG A 64 -7.67 -1.70 16.34
N TYR A 65 -7.77 -2.56 17.34
CA TYR A 65 -6.91 -2.45 18.50
C TYR A 65 -5.57 -3.16 18.33
N GLN A 66 -5.37 -3.93 17.27
CA GLN A 66 -4.12 -4.66 17.21
C GLN A 66 -3.16 -4.12 16.19
N ILE A 67 -3.66 -3.48 15.14
CA ILE A 67 -2.82 -2.89 14.10
C ILE A 67 -1.86 -1.90 14.76
N PRO A 68 -2.37 -0.89 15.48
CA PRO A 68 -1.47 0.14 16.05
C PRO A 68 -0.50 -0.36 17.09
N ALA A 69 -0.93 -1.25 17.96
CA ALA A 69 0.00 -1.81 18.96
C ALA A 69 1.10 -2.62 18.28
N LEU A 70 0.73 -3.36 17.23
CA LEU A 70 1.68 -4.17 16.53
C LEU A 70 2.69 -3.33 15.78
N ALA A 71 2.21 -2.26 15.14
CA ALA A 71 3.14 -1.42 14.43
C ALA A 71 4.17 -0.87 15.40
N GLN A 72 3.73 -0.50 16.61
CA GLN A 72 4.67 0.10 17.55
C GLN A 72 5.68 -0.91 18.05
N ALA A 73 5.38 -2.19 17.95
CA ALA A 73 6.36 -3.17 18.37
C ALA A 73 7.45 -3.36 17.33
N GLY A 74 7.34 -2.72 16.16
CA GLY A 74 8.31 -2.84 15.07
C GLY A 74 7.91 -3.78 13.95
N TYR A 75 6.70 -3.62 13.41
CA TYR A 75 6.17 -4.57 12.44
C TYR A 75 5.46 -3.87 11.31
N ARG A 76 5.61 -4.48 10.13
CA ARG A 76 4.91 -4.03 8.95
C ARG A 76 3.59 -4.80 8.91
N VAL A 77 2.51 -4.12 9.21
CA VAL A 77 1.22 -4.75 9.43
C VAL A 77 0.34 -4.56 8.19
N LEU A 78 -0.25 -5.67 7.73
CA LEU A 78 -1.23 -5.69 6.63
C LEU A 78 -2.48 -6.39 7.15
N ALA A 79 -3.52 -5.61 7.32
CA ALA A 79 -4.80 -6.12 7.73
C ALA A 79 -5.64 -6.19 6.50
N MET A 80 -6.34 -7.30 6.34
CA MET A 80 -7.02 -7.63 5.10
C MET A 80 -8.55 -7.50 5.19
N ASP A 81 -9.16 -7.25 4.05
CA ASP A 81 -10.57 -7.51 3.78
C ASP A 81 -10.58 -8.85 3.08
N MET A 82 -10.93 -9.90 3.79
CA MET A 82 -10.97 -11.20 3.15
C MET A 82 -11.95 -11.17 1.97
N LYS A 83 -11.74 -12.05 1.00
CA LYS A 83 -12.52 -12.05 -0.22
C LYS A 83 -14.01 -12.20 0.03
N GLY A 84 -14.80 -11.37 -0.63
CA GLY A 84 -16.21 -11.29 -0.40
C GLY A 84 -16.66 -10.20 0.56
N TYR A 85 -15.74 -9.43 1.15
CA TYR A 85 -16.09 -8.42 2.15
C TYR A 85 -15.69 -7.01 1.72
N GLY A 86 -16.45 -6.03 2.21
CA GLY A 86 -15.98 -4.65 2.26
C GLY A 86 -15.54 -4.11 0.93
N GLU A 87 -14.27 -3.72 0.80
CA GLU A 87 -13.69 -3.20 -0.44
C GLU A 87 -13.02 -4.28 -1.31
N SER A 88 -12.91 -5.52 -0.82
CA SER A 88 -12.45 -6.66 -1.59
C SER A 88 -13.59 -7.22 -2.46
N SER A 89 -13.19 -7.92 -3.51
CA SER A 89 -14.14 -8.32 -4.52
C SER A 89 -14.99 -9.49 -4.03
N ALA A 90 -16.23 -9.54 -4.49
CA ALA A 90 -17.21 -10.53 -4.03
C ALA A 90 -17.76 -11.24 -5.25
N PRO A 91 -16.97 -12.15 -5.84
CA PRO A 91 -17.45 -12.86 -7.03
C PRO A 91 -18.66 -13.69 -6.69
N PRO A 92 -19.52 -13.93 -7.67
CA PRO A 92 -20.80 -14.61 -7.41
C PRO A 92 -20.69 -16.14 -7.33
N GLU A 93 -19.58 -16.74 -7.70
CA GLU A 93 -19.44 -18.19 -7.75
C GLU A 93 -18.99 -18.77 -6.44
N ILE A 94 -19.74 -19.78 -5.96
CA ILE A 94 -19.47 -20.42 -4.67
C ILE A 94 -18.10 -21.06 -4.67
N GLU A 95 -17.75 -21.71 -5.79
CA GLU A 95 -16.49 -22.44 -5.92
C GLU A 95 -15.28 -21.56 -5.70
N GLU A 96 -15.40 -20.25 -5.95
CA GLU A 96 -14.32 -19.29 -5.70
C GLU A 96 -13.98 -19.18 -4.23
N TYR A 97 -14.80 -19.72 -3.34
CA TYR A 97 -14.61 -19.53 -1.90
C TYR A 97 -14.08 -20.76 -1.19
N CYS A 98 -13.61 -21.77 -1.90
CA CYS A 98 -13.10 -22.91 -1.18
C CYS A 98 -11.70 -22.63 -0.65
N MET A 99 -11.28 -23.41 0.34
CA MET A 99 -10.00 -23.15 0.99
C MET A 99 -8.85 -23.13 -0.03
N GLU A 100 -8.81 -24.13 -0.92
CA GLU A 100 -7.70 -24.26 -1.87
C GLU A 100 -7.57 -23.02 -2.77
N VAL A 101 -8.70 -22.47 -3.26
CA VAL A 101 -8.66 -21.26 -4.09
C VAL A 101 -8.27 -20.03 -3.26
N LEU A 102 -8.76 -19.92 -2.04
CA LEU A 102 -8.38 -18.72 -1.32
C LEU A 102 -6.91 -18.76 -0.98
N CYS A 103 -6.41 -19.91 -0.56
CA CYS A 103 -5.04 -19.99 -0.07
C CYS A 103 -4.06 -19.66 -1.18
N LYS A 104 -4.30 -20.18 -2.38
CA LYS A 104 -3.39 -19.89 -3.45
C LYS A 104 -3.35 -18.38 -3.70
N GLU A 105 -4.51 -17.71 -3.63
CA GLU A 105 -4.53 -16.27 -3.87
C GLU A 105 -3.74 -15.52 -2.80
N MET A 106 -3.72 -16.03 -1.58
CA MET A 106 -2.80 -15.41 -0.62
C MET A 106 -1.38 -15.42 -1.16
N VAL A 107 -0.97 -16.50 -1.81
CA VAL A 107 0.41 -16.59 -2.29
C VAL A 107 0.66 -15.63 -3.44
N THR A 108 -0.24 -15.63 -4.42
CA THR A 108 -0.10 -14.60 -5.45
C THR A 108 -0.03 -13.23 -4.82
N PHE A 109 -0.79 -13.00 -3.76
CA PHE A 109 -0.71 -11.73 -3.04
C PHE A 109 0.74 -11.43 -2.66
N LEU A 110 1.38 -12.35 -1.95
CA LEU A 110 2.73 -12.08 -1.47
C LEU A 110 3.67 -11.80 -2.63
N ASP A 111 3.46 -12.48 -3.75
CA ASP A 111 4.36 -12.36 -4.89
C ASP A 111 4.34 -10.95 -5.47
N LYS A 112 3.16 -10.38 -5.66
CA LYS A 112 3.05 -9.09 -6.31
C LYS A 112 3.50 -7.91 -5.42
N LEU A 113 4.02 -8.18 -4.24
CA LEU A 113 4.55 -7.16 -3.36
C LEU A 113 6.02 -7.37 -3.09
N GLY A 114 6.65 -8.37 -3.73
CA GLY A 114 8.04 -8.63 -3.43
C GLY A 114 8.27 -9.27 -2.09
N LEU A 115 7.24 -9.86 -1.50
CA LEU A 115 7.36 -10.47 -0.19
C LEU A 115 7.65 -11.96 -0.33
N SER A 116 8.81 -12.39 0.17
CA SER A 116 9.17 -13.81 0.03
C SER A 116 8.41 -14.69 1.02
N GLN A 117 8.18 -14.17 2.22
CA GLN A 117 7.57 -14.91 3.30
C GLN A 117 6.91 -13.90 4.21
N ALA A 118 6.18 -14.40 5.18
CA ALA A 118 5.42 -13.52 6.05
C ALA A 118 5.05 -14.29 7.29
N VAL A 119 4.53 -13.59 8.27
CA VAL A 119 3.83 -14.20 9.38
C VAL A 119 2.34 -14.10 9.08
N PHE A 120 1.60 -15.18 9.39
CA PHE A 120 0.16 -15.23 9.19
C PHE A 120 -0.53 -15.54 10.52
N ILE A 121 -1.59 -14.80 10.80
CA ILE A 121 -2.33 -14.83 12.06
C ILE A 121 -3.79 -14.69 11.71
N GLY A 122 -4.57 -15.73 12.00
CA GLY A 122 -5.96 -15.76 11.61
C GLY A 122 -6.84 -15.97 12.82
N HIS A 123 -8.11 -15.55 12.72
CA HIS A 123 -9.14 -15.69 13.74
C HIS A 123 -10.44 -16.20 13.12
N ASP A 124 -11.07 -17.18 13.74
CA ASP A 124 -12.32 -17.77 13.22
C ASP A 124 -12.04 -18.44 11.87
N TRP A 125 -12.87 -18.23 10.84
CA TRP A 125 -12.58 -18.79 9.52
C TRP A 125 -11.14 -18.49 9.12
N GLY A 126 -10.72 -17.23 9.29
CA GLY A 126 -9.36 -16.80 9.02
C GLY A 126 -8.38 -17.67 9.77
N GLY A 127 -8.86 -18.29 10.85
CA GLY A 127 -8.02 -19.24 11.54
C GLY A 127 -7.72 -20.45 10.69
N MET A 128 -8.75 -20.95 9.99
CA MET A 128 -8.57 -22.13 9.14
C MET A 128 -7.66 -21.85 7.95
N LEU A 129 -7.87 -20.69 7.30
CA LEU A 129 -7.04 -20.29 6.18
C LEU A 129 -5.57 -20.26 6.60
N VAL A 130 -5.26 -19.54 7.66
CA VAL A 130 -3.88 -19.51 8.11
C VAL A 130 -3.37 -20.93 8.36
N TRP A 131 -4.24 -21.85 8.74
CA TRP A 131 -3.80 -23.22 8.96
C TRP A 131 -3.41 -23.92 7.64
N TYR A 132 -4.19 -23.73 6.57
CA TYR A 132 -3.82 -24.36 5.29
C TYR A 132 -2.57 -23.77 4.69
N MET A 133 -2.16 -22.58 5.08
CA MET A 133 -0.94 -22.10 4.47
C MET A 133 0.26 -22.83 5.07
N ALA A 134 0.30 -23.03 6.37
CA ALA A 134 1.49 -23.66 6.91
C ALA A 134 1.59 -25.11 6.49
N LEU A 135 0.45 -25.71 6.19
CA LEU A 135 0.53 -27.08 5.71
C LEU A 135 1.02 -27.10 4.29
N PHE A 136 0.32 -26.41 3.41
CA PHE A 136 0.59 -26.57 2.00
C PHE A 136 1.65 -25.61 1.44
N TYR A 137 1.88 -24.43 2.01
CA TYR A 137 2.88 -23.49 1.48
C TYR A 137 3.89 -23.03 2.54
N PRO A 138 4.40 -23.97 3.35
CA PRO A 138 5.23 -23.54 4.50
C PRO A 138 6.47 -22.75 4.11
N GLU A 139 6.83 -22.72 2.84
CA GLU A 139 8.02 -21.99 2.44
C GLU A 139 7.77 -20.48 2.39
N ARG A 140 6.53 -20.07 2.19
CA ARG A 140 6.15 -18.67 2.27
C ARG A 140 5.65 -18.27 3.66
N VAL A 141 5.43 -19.23 4.55
CA VAL A 141 4.92 -18.94 5.89
C VAL A 141 6.12 -18.98 6.82
N ARG A 142 6.45 -17.81 7.37
CA ARG A 142 7.48 -17.69 8.40
C ARG A 142 6.97 -18.24 9.73
N ALA A 143 5.77 -17.83 10.15
CA ALA A 143 5.17 -18.29 11.41
C ALA A 143 3.65 -18.15 11.30
N VAL A 144 2.93 -18.92 12.16
CA VAL A 144 1.48 -19.08 12.09
C VAL A 144 0.85 -19.04 13.50
N ALA A 145 -0.34 -18.43 13.62
CA ALA A 145 -1.07 -18.30 14.90
C ALA A 145 -2.56 -18.21 14.66
N SER A 146 -3.34 -18.75 15.58
CA SER A 146 -4.79 -18.70 15.43
C SER A 146 -5.50 -18.40 16.74
N LEU A 147 -6.58 -17.64 16.61
CA LEU A 147 -7.42 -17.21 17.72
C LEU A 147 -8.71 -18.01 17.65
N ASN A 148 -8.94 -18.82 18.69
CA ASN A 148 -10.07 -19.77 18.77
C ASN A 148 -9.84 -21.01 17.93
N THR A 149 -9.73 -20.84 16.62
CA THR A 149 -9.82 -21.94 15.67
C THR A 149 -8.76 -23.00 15.90
N PRO A 150 -9.12 -24.25 16.18
CA PRO A 150 -8.14 -25.30 16.40
C PRO A 150 -7.82 -26.03 15.11
N PHE A 151 -6.64 -26.61 15.08
CA PHE A 151 -6.27 -27.47 13.95
C PHE A 151 -6.59 -28.91 14.31
N ILE A 152 -7.50 -29.51 13.55
CA ILE A 152 -7.92 -30.90 13.74
C ILE A 152 -7.77 -31.61 12.40
N PRO A 153 -6.84 -32.58 12.29
CA PRO A 153 -6.68 -33.27 11.00
C PRO A 153 -7.99 -33.88 10.55
N ALA A 154 -8.29 -33.76 9.27
CA ALA A 154 -9.47 -34.43 8.77
C ALA A 154 -9.34 -35.93 9.01
N ASN A 155 -10.48 -36.61 9.08
CA ASN A 155 -10.49 -38.06 9.10
C ASN A 155 -10.98 -38.58 7.76
N PRO A 156 -10.21 -39.43 7.09
CA PRO A 156 -10.57 -39.77 5.72
C PRO A 156 -11.81 -40.59 5.62
N ASN A 157 -12.34 -41.07 6.74
CA ASN A 157 -13.49 -41.96 6.69
C ASN A 157 -14.72 -41.42 7.43
N MET A 158 -14.77 -40.12 7.71
CA MET A 158 -15.96 -39.46 8.26
C MET A 158 -16.34 -38.36 7.28
N SER A 159 -17.47 -38.51 6.59
CA SER A 159 -17.92 -37.41 5.75
C SER A 159 -18.12 -36.17 6.61
N PRO A 160 -18.07 -34.99 6.02
CA PRO A 160 -18.29 -33.78 6.82
C PRO A 160 -19.72 -33.68 7.38
N LEU A 161 -20.73 -34.05 6.59
CA LEU A 161 -22.09 -34.00 7.11
C LEU A 161 -22.29 -34.94 8.32
N GLU A 162 -21.42 -35.93 8.49
CA GLU A 162 -21.51 -36.79 9.65
C GLU A 162 -20.99 -36.07 10.87
N SER A 163 -19.83 -35.44 10.73
CA SER A 163 -19.30 -34.72 11.87
C SER A 163 -20.24 -33.63 12.32
N ILE A 164 -21.27 -33.31 11.54
CA ILE A 164 -22.31 -32.40 12.01
C ILE A 164 -23.36 -33.13 12.84
N LYS A 165 -23.73 -34.34 12.44
CA LYS A 165 -24.67 -35.10 13.26
C LYS A 165 -24.21 -35.14 14.70
N ALA A 166 -23.00 -35.64 14.93
CA ALA A 166 -22.48 -35.80 16.28
C ALA A 166 -22.21 -34.49 17.01
N ASN A 167 -22.44 -33.31 16.44
CA ASN A 167 -22.26 -32.06 17.19
C ASN A 167 -23.30 -31.04 16.77
N PRO A 168 -24.51 -31.14 17.32
CA PRO A 168 -25.58 -30.24 16.92
C PRO A 168 -25.38 -28.79 17.32
N VAL A 169 -24.32 -28.49 18.07
CA VAL A 169 -23.97 -27.09 18.27
C VAL A 169 -23.76 -26.43 16.93
N PHE A 170 -23.29 -27.22 15.96
CA PHE A 170 -23.09 -26.81 14.57
C PHE A 170 -24.34 -26.96 13.72
N ASP A 171 -25.53 -27.00 14.33
CA ASP A 171 -26.73 -27.16 13.50
C ASP A 171 -26.88 -25.96 12.57
N TYR A 172 -26.40 -24.80 12.97
CA TYR A 172 -26.54 -23.57 12.18
C TYR A 172 -25.90 -23.67 10.81
N GLN A 173 -24.92 -24.56 10.63
CA GLN A 173 -24.29 -24.68 9.32
C GLN A 173 -25.27 -25.18 8.28
N LEU A 174 -26.20 -26.05 8.66
CA LEU A 174 -27.19 -26.51 7.71
C LEU A 174 -28.13 -25.39 7.28
N TYR A 175 -28.56 -24.55 8.22
CA TYR A 175 -29.42 -23.42 7.86
C TYR A 175 -28.69 -22.49 6.91
N PHE A 176 -27.37 -22.50 6.95
CA PHE A 176 -26.57 -21.65 6.10
C PHE A 176 -26.37 -22.21 4.69
N GLN A 177 -26.54 -23.52 4.53
CA GLN A 177 -26.21 -24.19 3.28
C GLN A 177 -27.12 -23.78 2.12
N GLU A 178 -28.36 -23.41 2.41
CA GLU A 178 -29.34 -23.13 1.36
C GLU A 178 -29.16 -21.70 0.85
N PRO A 179 -28.81 -21.50 -0.40
CA PRO A 179 -28.70 -20.13 -0.91
C PRO A 179 -30.03 -19.39 -0.80
N GLY A 180 -29.95 -18.15 -0.35
CA GLY A 180 -31.09 -17.26 -0.28
C GLY A 180 -31.66 -17.10 1.11
N VAL A 181 -31.86 -18.23 1.79
CA VAL A 181 -32.61 -18.25 3.03
C VAL A 181 -31.86 -17.43 4.05
N ALA A 182 -30.78 -18.02 4.59
CA ALA A 182 -30.02 -17.36 5.64
C ALA A 182 -29.71 -15.92 5.24
N GLU A 183 -29.43 -15.71 3.94
CA GLU A 183 -29.18 -14.37 3.43
C GLU A 183 -30.31 -13.40 3.80
N ALA A 184 -31.56 -13.76 3.51
CA ALA A 184 -32.66 -12.85 3.78
C ALA A 184 -32.64 -12.37 5.22
N GLU A 185 -32.41 -13.29 6.18
CA GLU A 185 -32.53 -12.91 7.58
C GLU A 185 -31.49 -11.86 7.95
N LEU A 186 -30.23 -12.12 7.61
CA LEU A 186 -29.18 -11.20 8.02
C LEU A 186 -29.25 -9.85 7.32
N GLU A 187 -29.87 -9.78 6.14
CA GLU A 187 -29.82 -8.59 5.30
C GLU A 187 -31.09 -7.74 5.35
N GLN A 188 -32.17 -8.22 5.97
CA GLN A 188 -33.39 -7.42 5.98
C GLN A 188 -33.19 -6.11 6.73
N ASN A 189 -32.69 -6.16 7.97
CA ASN A 189 -32.38 -4.96 8.76
C ASN A 189 -30.96 -5.08 9.30
N LEU A 190 -30.01 -4.42 8.63
CA LEU A 190 -28.60 -4.64 8.95
C LEU A 190 -28.26 -4.17 10.36
N SER A 191 -28.91 -3.09 10.81
CA SER A 191 -28.55 -2.50 12.10
C SER A 191 -28.90 -3.41 13.25
N ARG A 192 -30.04 -4.10 13.14
CA ARG A 192 -30.39 -5.11 14.13
C ARG A 192 -29.40 -6.27 14.13
N THR A 193 -29.06 -6.78 12.95
CA THR A 193 -28.17 -7.94 12.86
C THR A 193 -26.88 -7.76 13.66
N PHE A 194 -26.17 -6.65 13.42
CA PHE A 194 -24.90 -6.49 14.10
C PHE A 194 -25.12 -6.11 15.57
N LYS A 195 -26.13 -5.28 15.87
CA LYS A 195 -26.46 -5.06 17.28
C LYS A 195 -26.79 -6.37 17.97
N SER A 196 -27.37 -7.32 17.25
CA SER A 196 -27.73 -8.58 17.87
C SER A 196 -26.51 -9.48 18.02
N LEU A 197 -25.64 -9.52 17.00
CA LEU A 197 -24.52 -10.47 16.97
C LEU A 197 -23.35 -10.04 17.87
N PHE A 198 -22.94 -8.79 17.77
CA PHE A 198 -21.69 -8.37 18.40
C PHE A 198 -21.97 -8.07 19.87
N ARG A 199 -21.95 -9.13 20.70
CA ARG A 199 -22.15 -8.97 22.15
C ARG A 199 -21.26 -9.93 22.92
N ALA A 200 -21.18 -9.72 24.24
CA ALA A 200 -20.40 -10.61 25.09
C ALA A 200 -21.28 -11.77 25.52
N SER A 201 -20.63 -12.81 26.06
CA SER A 201 -21.33 -14.09 26.25
C SER A 201 -22.57 -13.90 27.12
N ASP A 202 -22.44 -13.08 28.18
CA ASP A 202 -23.47 -12.80 29.17
C ASP A 202 -24.54 -11.84 28.68
N GLU A 203 -24.38 -11.26 27.50
CA GLU A 203 -25.43 -10.47 26.87
C GLU A 203 -26.13 -11.24 25.75
N SER A 204 -25.73 -12.50 25.55
CA SER A 204 -26.15 -13.29 24.40
C SER A 204 -27.65 -13.25 24.19
N VAL A 205 -28.07 -13.16 22.93
CA VAL A 205 -29.48 -13.20 22.59
C VAL A 205 -29.75 -14.25 21.52
N LEU A 206 -28.88 -15.27 21.45
CA LEU A 206 -29.00 -16.36 20.47
C LEU A 206 -28.90 -17.71 21.17
N SER A 207 -29.62 -18.70 20.65
CA SER A 207 -29.38 -20.10 21.01
C SER A 207 -29.10 -20.88 19.74
N MET A 208 -27.96 -21.58 19.68
CA MET A 208 -27.52 -22.37 18.51
C MET A 208 -28.10 -23.77 18.50
N HIS A 209 -29.19 -24.00 19.23
CA HIS A 209 -29.63 -25.33 19.60
C HIS A 209 -30.39 -25.99 18.44
N LYS A 210 -31.52 -25.40 18.04
CA LYS A 210 -32.34 -25.91 16.94
C LYS A 210 -32.68 -24.78 16.01
N VAL A 211 -31.64 -24.12 15.48
CA VAL A 211 -31.84 -23.00 14.58
C VAL A 211 -32.52 -23.48 13.30
N CYS A 212 -32.13 -24.67 12.83
CA CYS A 212 -32.72 -25.18 11.59
C CYS A 212 -34.24 -25.35 11.76
N GLU A 213 -34.69 -25.80 12.93
CA GLU A 213 -36.11 -26.06 13.15
C GLU A 213 -36.90 -24.80 13.44
N ALA A 214 -36.38 -23.96 14.33
CA ALA A 214 -37.14 -22.77 14.68
C ALA A 214 -37.31 -21.84 13.49
N GLY A 215 -36.53 -22.02 12.43
CA GLY A 215 -36.68 -21.20 11.26
C GLY A 215 -35.72 -20.03 11.13
N GLY A 216 -34.61 -20.03 11.86
CA GLY A 216 -33.69 -18.92 11.81
C GLY A 216 -32.98 -18.77 13.13
N LEU A 217 -32.26 -17.65 13.23
CA LEU A 217 -31.46 -17.29 14.39
C LEU A 217 -32.08 -16.16 15.19
N PHE A 218 -32.42 -15.06 14.54
CA PHE A 218 -32.99 -13.92 15.24
C PHE A 218 -34.47 -14.09 15.55
N VAL A 219 -34.84 -15.27 16.03
CA VAL A 219 -36.24 -15.63 16.26
C VAL A 219 -36.71 -15.31 17.68
N ASN A 220 -35.91 -15.62 18.70
CA ASN A 220 -36.22 -15.32 20.10
C ASN A 220 -35.52 -14.05 20.57
N SER A 221 -35.09 -13.25 19.68
CA SER A 221 -34.32 -12.07 20.00
C SER A 221 -35.18 -10.82 19.92
N PRO A 222 -35.12 -9.92 20.95
CA PRO A 222 -36.05 -8.77 21.03
C PRO A 222 -36.16 -7.90 19.79
N GLU A 223 -37.19 -7.04 19.68
CA GLU A 223 -37.30 -6.29 18.44
C GLU A 223 -36.21 -5.24 18.36
N GLU A 224 -35.97 -4.56 19.47
CA GLU A 224 -35.02 -3.46 19.55
C GLU A 224 -33.90 -3.87 20.51
N PRO A 225 -32.85 -4.50 20.02
CA PRO A 225 -31.78 -4.89 20.94
C PRO A 225 -31.14 -3.65 21.52
N SER A 226 -30.63 -3.79 22.73
CA SER A 226 -29.89 -2.70 23.33
C SER A 226 -28.46 -2.68 22.79
N LEU A 227 -27.82 -1.51 22.89
CA LEU A 227 -26.43 -1.46 22.50
C LEU A 227 -25.60 -2.18 23.56
N SER A 228 -24.80 -3.13 23.14
CA SER A 228 -23.97 -3.82 24.09
C SER A 228 -22.93 -2.88 24.69
N ARG A 229 -22.22 -3.41 25.67
CA ARG A 229 -21.21 -2.62 26.33
C ARG A 229 -19.98 -2.44 25.45
N MET A 230 -19.75 -3.37 24.51
CA MET A 230 -18.47 -3.43 23.78
C MET A 230 -18.39 -2.45 22.63
N VAL A 231 -19.51 -2.04 22.03
CA VAL A 231 -19.45 -1.29 20.79
C VAL A 231 -20.19 0.02 20.95
N THR A 232 -19.86 0.97 20.07
CA THR A 232 -20.48 2.28 20.00
C THR A 232 -21.50 2.29 18.88
N GLU A 233 -22.40 3.28 18.95
CA GLU A 233 -23.38 3.43 17.89
C GLU A 233 -22.72 3.79 16.57
N GLU A 234 -21.48 4.29 16.60
CA GLU A 234 -20.76 4.51 15.35
C GLU A 234 -20.30 3.20 14.73
N GLU A 235 -19.50 2.43 15.46
CA GLU A 235 -18.90 1.24 14.90
C GLU A 235 -19.93 0.30 14.34
N ILE A 236 -21.14 0.28 14.90
CA ILE A 236 -22.22 -0.50 14.28
C ILE A 236 -22.52 0.08 12.91
N GLN A 237 -22.51 1.41 12.79
CA GLN A 237 -22.72 2.03 11.50
C GLN A 237 -21.60 1.66 10.53
N PHE A 238 -20.36 1.59 11.02
CA PHE A 238 -19.28 1.20 10.12
C PHE A 238 -19.56 -0.16 9.48
N TYR A 239 -19.64 -1.20 10.30
CA TYR A 239 -19.99 -2.51 9.77
C TYR A 239 -21.27 -2.43 8.93
N VAL A 240 -22.27 -1.70 9.39
CA VAL A 240 -23.52 -1.61 8.64
C VAL A 240 -23.27 -1.10 7.24
N GLN A 241 -22.45 -0.06 7.09
CA GLN A 241 -22.28 0.46 5.74
C GLN A 241 -21.41 -0.43 4.86
N GLN A 242 -20.46 -1.17 5.44
CA GLN A 242 -19.61 -2.04 4.62
C GLN A 242 -20.45 -3.17 3.99
N PHE A 243 -21.38 -3.75 4.75
CA PHE A 243 -22.27 -4.77 4.23
C PHE A 243 -23.42 -4.13 3.50
N LYS A 244 -23.16 -3.03 2.80
CA LYS A 244 -24.17 -2.47 1.91
C LYS A 244 -23.82 -2.65 0.45
N LYS A 245 -22.53 -2.75 0.13
CA LYS A 245 -22.09 -2.93 -1.25
C LYS A 245 -22.04 -4.39 -1.67
N SER A 246 -21.69 -5.30 -0.77
CA SER A 246 -21.42 -6.68 -1.19
C SER A 246 -22.54 -7.63 -0.84
N GLY A 247 -23.15 -7.47 0.33
CA GLY A 247 -24.20 -8.39 0.74
C GLY A 247 -23.68 -9.45 1.70
N PHE A 248 -24.53 -10.47 1.92
CA PHE A 248 -24.14 -11.57 2.78
C PHE A 248 -23.91 -12.85 1.98
N ARG A 249 -24.19 -12.85 0.68
CA ARG A 249 -23.92 -14.01 -0.15
C ARG A 249 -22.45 -14.43 -0.06
N GLY A 250 -21.54 -13.48 -0.20
CA GLY A 250 -20.13 -13.79 -0.10
C GLY A 250 -19.72 -14.44 1.21
N PRO A 251 -19.94 -13.72 2.31
CA PRO A 251 -19.58 -14.30 3.62
C PRO A 251 -20.22 -15.65 3.87
N LEU A 252 -21.47 -15.88 3.47
CA LEU A 252 -22.07 -17.17 3.79
C LEU A 252 -21.46 -18.30 2.96
N ASN A 253 -20.95 -18.00 1.77
CA ASN A 253 -20.43 -19.07 0.95
C ASN A 253 -19.18 -19.69 1.54
N TRP A 254 -18.47 -19.01 2.45
CA TRP A 254 -17.34 -19.70 3.05
C TRP A 254 -17.79 -20.98 3.78
N TYR A 255 -19.09 -21.12 4.06
CA TYR A 255 -19.63 -22.28 4.76
C TYR A 255 -20.02 -23.43 3.85
N ARG A 256 -20.14 -23.18 2.56
CA ARG A 256 -20.76 -24.10 1.62
C ARG A 256 -19.75 -24.83 0.72
N ASN A 257 -18.49 -25.07 1.15
CA ASN A 257 -17.54 -25.80 0.30
C ASN A 257 -16.99 -27.03 1.05
N MET A 258 -17.82 -27.62 1.90
CA MET A 258 -17.30 -28.63 2.83
C MET A 258 -16.78 -29.86 2.08
N GLU A 259 -17.38 -30.21 0.97
CA GLU A 259 -16.87 -31.35 0.25
C GLU A 259 -15.42 -31.17 -0.18
N ARG A 260 -15.15 -30.25 -1.12
CA ARG A 260 -13.81 -30.08 -1.67
C ARG A 260 -12.77 -29.92 -0.59
N ASN A 261 -13.13 -29.20 0.49
CA ASN A 261 -12.20 -28.93 1.58
C ASN A 261 -11.81 -30.20 2.32
N TRP A 262 -12.75 -31.14 2.45
CA TRP A 262 -12.38 -32.44 3.01
C TRP A 262 -11.40 -33.16 2.09
N LYS A 263 -11.69 -33.15 0.79
CA LYS A 263 -10.88 -33.85 -0.20
C LYS A 263 -9.47 -33.25 -0.33
N TRP A 264 -9.41 -31.95 -0.60
CA TRP A 264 -8.09 -31.32 -0.62
C TRP A 264 -7.34 -31.63 0.65
N ALA A 265 -7.99 -31.41 1.78
CA ALA A 265 -7.27 -31.56 3.03
C ALA A 265 -6.70 -32.96 3.17
N CYS A 266 -7.40 -33.97 2.65
CA CYS A 266 -6.94 -35.34 2.83
C CYS A 266 -5.50 -35.55 2.37
N LYS A 267 -4.95 -34.65 1.55
CA LYS A 267 -3.59 -34.88 1.08
C LYS A 267 -2.56 -34.67 2.18
N SER A 268 -2.89 -33.84 3.16
CA SER A 268 -1.92 -33.49 4.20
C SER A 268 -1.48 -34.70 5.01
N LEU A 269 -2.30 -35.75 5.09
CA LEU A 269 -1.97 -36.92 5.90
C LEU A 269 -0.48 -37.22 5.82
N GLY A 270 0.11 -37.34 7.00
CA GLY A 270 1.51 -37.57 7.15
C GLY A 270 2.35 -36.32 7.28
N ARG A 271 1.93 -35.20 6.70
CA ARG A 271 2.80 -34.05 6.78
C ARG A 271 2.72 -33.46 8.19
N LYS A 272 3.81 -32.84 8.66
CA LYS A 272 3.78 -32.18 9.97
C LYS A 272 4.34 -30.79 9.78
N ILE A 273 3.57 -29.79 10.18
CA ILE A 273 4.05 -28.43 10.17
C ILE A 273 5.16 -28.31 11.20
N LEU A 274 6.26 -27.70 10.81
CA LEU A 274 7.40 -27.62 11.70
C LEU A 274 7.86 -26.19 11.91
N ILE A 275 7.16 -25.22 11.36
CA ILE A 275 7.51 -23.82 11.52
C ILE A 275 7.04 -23.34 12.89
N PRO A 276 7.49 -22.19 13.38
CA PRO A 276 7.04 -21.68 14.69
C PRO A 276 5.54 -21.45 14.75
N ALA A 277 4.92 -21.89 15.85
CA ALA A 277 3.45 -21.95 15.91
C ALA A 277 2.95 -21.58 17.30
N LEU A 278 1.68 -21.17 17.36
CA LEU A 278 1.05 -20.69 18.58
C LEU A 278 -0.45 -20.91 18.49
N MET A 279 -1.04 -21.49 19.53
CA MET A 279 -2.50 -21.65 19.60
C MET A 279 -3.06 -20.91 20.81
N VAL A 280 -4.08 -20.10 20.58
CA VAL A 280 -4.67 -19.25 21.61
C VAL A 280 -6.16 -19.54 21.73
N THR A 281 -6.61 -20.02 22.90
CA THR A 281 -8.03 -20.27 23.15
C THR A 281 -8.66 -19.24 24.07
N ALA A 282 -9.95 -19.05 23.87
CA ALA A 282 -10.81 -18.21 24.69
C ALA A 282 -11.83 -19.06 25.44
N GLU A 283 -12.19 -18.66 26.68
CA GLU A 283 -12.99 -19.50 27.56
C GLU A 283 -14.51 -19.35 27.41
N LYS A 284 -15.01 -18.29 26.76
CA LYS A 284 -16.45 -18.13 26.62
C LYS A 284 -16.90 -18.30 25.17
N ASP A 285 -16.04 -18.87 24.33
CA ASP A 285 -16.46 -19.24 23.00
C ASP A 285 -17.11 -20.60 23.18
N PHE A 286 -18.43 -20.64 23.11
CA PHE A 286 -19.08 -21.94 23.35
C PHE A 286 -19.20 -22.80 22.08
N VAL A 287 -18.80 -22.32 20.91
CA VAL A 287 -18.82 -23.17 19.72
C VAL A 287 -17.41 -23.61 19.37
N LEU A 288 -16.52 -22.66 19.11
CA LEU A 288 -15.09 -22.97 18.91
C LEU A 288 -14.49 -23.10 20.30
N VAL A 289 -14.80 -24.24 20.92
CA VAL A 289 -14.61 -24.49 22.34
C VAL A 289 -13.16 -24.88 22.57
N PRO A 290 -12.58 -24.58 23.72
CA PRO A 290 -11.14 -24.83 23.88
C PRO A 290 -10.72 -26.29 23.82
N GLN A 291 -11.51 -27.20 24.37
CA GLN A 291 -11.07 -28.60 24.37
C GLN A 291 -10.81 -29.16 22.97
N MET A 292 -11.35 -28.54 21.93
CA MET A 292 -11.19 -29.05 20.57
C MET A 292 -9.73 -29.07 20.08
N SER A 293 -8.79 -28.46 20.79
CA SER A 293 -7.41 -28.42 20.34
C SER A 293 -6.50 -29.24 21.23
N GLN A 294 -7.06 -30.13 22.05
CA GLN A 294 -6.25 -30.75 23.09
C GLN A 294 -5.03 -31.48 22.53
N HIS A 295 -5.08 -32.01 21.31
CA HIS A 295 -3.98 -32.82 20.83
C HIS A 295 -3.17 -32.16 19.74
N MET A 296 -3.29 -30.85 19.55
CA MET A 296 -2.57 -30.23 18.43
C MET A 296 -1.05 -30.35 18.58
N GLU A 297 -0.59 -30.90 19.69
CA GLU A 297 0.85 -30.98 19.82
C GLU A 297 1.44 -32.18 19.08
N ASP A 298 0.65 -33.23 18.81
CA ASP A 298 1.11 -34.43 18.10
C ASP A 298 1.51 -34.15 16.64
N TRP A 299 0.88 -33.18 15.99
CA TRP A 299 1.19 -32.83 14.60
C TRP A 299 1.96 -31.54 14.45
N ILE A 300 2.05 -30.72 15.48
CA ILE A 300 2.80 -29.46 15.50
C ILE A 300 3.75 -29.54 16.68
N PRO A 301 4.96 -30.07 16.49
CA PRO A 301 5.87 -30.27 17.63
C PRO A 301 6.34 -29.00 18.31
N HIS A 302 6.30 -27.85 17.65
CA HIS A 302 6.90 -26.66 18.22
C HIS A 302 5.86 -25.67 18.75
N LEU A 303 4.65 -26.15 19.01
CA LEU A 303 3.51 -25.26 19.16
C LEU A 303 3.53 -24.63 20.55
N LYS A 304 3.61 -23.31 20.59
CA LYS A 304 3.44 -22.61 21.84
C LYS A 304 1.94 -22.29 21.98
N ARG A 305 1.53 -21.92 23.20
CA ARG A 305 0.11 -21.73 23.49
C ARG A 305 -0.14 -20.45 24.28
N GLY A 306 -1.41 -20.01 24.24
CA GLY A 306 -1.91 -18.98 25.13
C GLY A 306 -3.37 -19.22 25.50
N HIS A 307 -3.81 -18.60 26.61
CA HIS A 307 -5.19 -18.74 27.10
C HIS A 307 -5.65 -17.43 27.70
N ILE A 308 -6.94 -17.12 27.53
CA ILE A 308 -7.54 -15.89 28.03
C ILE A 308 -8.87 -16.21 28.71
N GLU A 309 -9.21 -15.43 29.72
CA GLU A 309 -10.39 -15.76 30.49
C GLU A 309 -11.36 -14.60 30.50
N ASP A 310 -12.62 -14.94 30.71
CA ASP A 310 -13.74 -14.02 30.64
C ASP A 310 -14.03 -13.63 29.23
N CYS A 311 -13.46 -14.36 28.29
CA CYS A 311 -13.29 -13.94 26.91
C CYS A 311 -14.18 -14.78 26.03
N GLY A 312 -15.05 -14.10 25.27
CA GLY A 312 -15.98 -14.77 24.36
C GLY A 312 -15.43 -15.04 22.97
N HIS A 313 -16.29 -14.87 21.96
CA HIS A 313 -15.90 -15.11 20.58
C HIS A 313 -15.14 -13.93 19.99
N TRP A 314 -15.70 -12.72 20.10
CA TRP A 314 -15.09 -11.52 19.54
C TRP A 314 -13.91 -11.09 20.41
N THR A 315 -12.95 -12.01 20.53
CA THR A 315 -11.83 -11.83 21.46
C THR A 315 -11.19 -10.46 21.37
N GLN A 316 -10.82 -10.04 20.16
CA GLN A 316 -10.09 -8.79 20.06
C GLN A 316 -10.91 -7.65 20.63
N MET A 317 -12.24 -7.70 20.45
CA MET A 317 -13.03 -6.55 20.89
C MET A 317 -13.28 -6.64 22.37
N ASP A 318 -13.47 -7.84 22.88
CA ASP A 318 -13.72 -8.00 24.30
C ASP A 318 -12.48 -7.66 25.11
N LYS A 319 -11.35 -8.31 24.80
CA LYS A 319 -10.12 -8.26 25.60
C LYS A 319 -8.90 -7.93 24.73
N PRO A 320 -8.81 -6.70 24.23
CA PRO A 320 -7.70 -6.39 23.30
C PRO A 320 -6.34 -6.39 23.95
N THR A 321 -6.21 -5.95 25.20
CA THR A 321 -4.90 -5.90 25.85
C THR A 321 -4.30 -7.28 26.05
N GLU A 322 -5.12 -8.26 26.44
CA GLU A 322 -4.59 -9.61 26.63
C GLU A 322 -4.07 -10.11 25.30
N VAL A 323 -4.90 -10.04 24.27
CA VAL A 323 -4.52 -10.35 22.89
C VAL A 323 -3.18 -9.74 22.49
N ASN A 324 -3.04 -8.40 22.59
CA ASN A 324 -1.80 -7.74 22.15
C ASN A 324 -0.59 -8.27 22.90
N GLN A 325 -0.68 -8.45 24.21
CA GLN A 325 0.50 -8.88 24.94
C GLN A 325 0.97 -10.25 24.51
N ILE A 326 0.02 -11.15 24.26
CA ILE A 326 0.38 -12.53 23.95
C ILE A 326 1.09 -12.64 22.60
N LEU A 327 0.50 -12.04 21.55
CA LEU A 327 1.17 -12.03 20.24
C LEU A 327 2.56 -11.45 20.35
N ILE A 328 2.66 -10.16 20.70
CA ILE A 328 3.94 -9.44 20.69
C ILE A 328 4.99 -10.17 21.52
N LYS A 329 4.61 -10.75 22.64
CA LYS A 329 5.62 -11.53 23.36
C LYS A 329 6.09 -12.71 22.52
N TRP A 330 5.21 -13.28 21.69
CA TRP A 330 5.53 -14.46 20.87
C TRP A 330 6.27 -14.15 19.57
N LEU A 331 5.94 -13.03 18.92
CA LEU A 331 6.65 -12.59 17.72
C LEU A 331 8.13 -12.34 18.02
N ASP A 332 8.40 -11.81 19.20
CA ASP A 332 9.76 -11.49 19.65
C ASP A 332 10.47 -12.66 20.28
N SER A 333 9.80 -13.80 20.47
CA SER A 333 10.46 -14.98 21.03
C SER A 333 11.27 -15.72 19.96
N ASP A 334 10.85 -15.68 18.69
CA ASP A 334 11.47 -16.48 17.62
C ASP A 334 11.72 -15.68 16.34
N THR B 19 14.86 -5.49 -15.52
CA THR B 19 13.64 -5.82 -16.23
C THR B 19 12.77 -4.54 -16.21
N SER B 20 11.47 -4.62 -16.41
CA SER B 20 10.59 -3.45 -16.35
C SER B 20 9.40 -3.76 -15.44
N CYS B 21 8.31 -3.00 -15.56
CA CYS B 21 7.23 -3.01 -14.59
C CYS B 21 5.89 -2.98 -15.31
N ASN B 22 5.01 -3.93 -14.94
CA ASN B 22 3.68 -4.01 -15.52
C ASN B 22 2.69 -3.33 -14.60
N PRO B 23 2.05 -2.26 -15.01
CA PRO B 23 1.16 -1.54 -14.07
C PRO B 23 0.10 -2.40 -13.39
N SER B 24 -0.60 -3.23 -14.16
CA SER B 24 -1.64 -4.06 -13.57
C SER B 24 -1.10 -5.19 -12.70
N ASP B 25 0.21 -5.30 -12.51
CA ASP B 25 0.80 -6.30 -11.60
C ASP B 25 1.47 -5.67 -10.38
N MET B 26 1.17 -4.42 -10.08
CA MET B 26 1.77 -3.76 -8.94
C MET B 26 0.82 -3.77 -7.75
N SER B 27 1.36 -3.46 -6.57
CA SER B 27 0.51 -3.10 -5.44
C SER B 27 0.30 -1.59 -5.42
N HIS B 28 -0.97 -1.16 -5.42
CA HIS B 28 -1.32 0.24 -5.60
C HIS B 28 -1.83 0.85 -4.30
N GLY B 29 -1.22 1.96 -3.90
CA GLY B 29 -1.57 2.62 -2.65
C GLY B 29 -1.96 4.07 -2.84
N TYR B 30 -2.83 4.55 -1.94
CA TYR B 30 -3.35 5.91 -1.93
C TYR B 30 -3.39 6.35 -0.48
N VAL B 31 -3.18 7.66 -0.22
CA VAL B 31 -3.14 8.20 1.16
C VAL B 31 -3.72 9.61 1.20
N THR B 32 -4.65 9.86 2.13
CA THR B 32 -5.14 11.22 2.37
C THR B 32 -4.21 12.00 3.30
N VAL B 33 -3.64 13.11 2.81
CA VAL B 33 -2.84 13.99 3.65
C VAL B 33 -3.56 15.30 3.99
N LYS B 34 -4.59 15.67 3.25
CA LYS B 34 -5.34 16.91 3.44
C LYS B 34 -6.76 16.67 2.96
N PRO B 35 -7.70 17.45 3.41
CA PRO B 35 -9.11 17.17 3.10
C PRO B 35 -9.36 16.71 1.67
N ARG B 36 -9.08 17.55 0.68
CA ARG B 36 -9.32 17.17 -0.71
C ARG B 36 -8.06 16.67 -1.41
N VAL B 37 -7.07 16.15 -0.69
CA VAL B 37 -5.75 15.91 -1.25
C VAL B 37 -5.31 14.48 -0.95
N ARG B 38 -5.31 13.63 -1.98
CA ARG B 38 -4.88 12.24 -1.96
C ARG B 38 -3.61 12.04 -2.80
N LEU B 39 -2.71 11.16 -2.33
CA LEU B 39 -1.47 10.80 -3.02
C LEU B 39 -1.46 9.30 -3.29
N HIS B 40 -1.06 8.91 -4.51
CA HIS B 40 -1.03 7.50 -4.92
C HIS B 40 0.41 7.04 -4.99
N PHE B 41 0.67 5.77 -4.68
CA PHE B 41 2.04 5.29 -4.86
C PHE B 41 2.02 3.79 -5.20
N VAL B 42 3.21 3.27 -5.52
CA VAL B 42 3.39 1.88 -5.86
C VAL B 42 4.47 1.32 -4.97
N GLU B 43 4.20 0.19 -4.33
CA GLU B 43 5.14 -0.37 -3.36
C GLU B 43 5.53 -1.78 -3.79
N LEU B 44 6.79 -2.09 -3.59
CA LEU B 44 7.34 -3.37 -3.96
C LEU B 44 8.61 -3.58 -3.16
N GLY B 45 8.74 -4.77 -2.61
CA GLY B 45 9.98 -5.21 -2.00
C GLY B 45 9.88 -5.16 -0.48
N SER B 46 10.91 -5.71 0.16
CA SER B 46 11.03 -5.61 1.59
C SER B 46 12.43 -5.14 1.92
N GLY B 47 12.58 -4.66 3.17
CA GLY B 47 13.79 -4.04 3.65
C GLY B 47 13.62 -2.55 3.87
N PRO B 48 14.75 -1.82 3.96
CA PRO B 48 14.69 -0.40 4.27
C PRO B 48 13.89 0.34 3.21
N ALA B 49 13.02 1.23 3.66
CA ALA B 49 12.05 1.81 2.76
C ALA B 49 12.65 2.99 2.01
N VAL B 50 12.58 2.96 0.68
CA VAL B 50 13.10 4.03 -0.17
C VAL B 50 11.94 4.68 -0.90
N CYS B 51 11.89 6.02 -0.90
CA CYS B 51 10.82 6.79 -1.54
C CYS B 51 11.36 7.62 -2.69
N LEU B 52 10.90 7.32 -3.92
CA LEU B 52 11.48 7.83 -5.18
C LEU B 52 10.55 8.82 -5.85
N CYS B 53 11.06 10.00 -6.17
CA CYS B 53 10.18 11.10 -6.57
C CYS B 53 10.66 11.68 -7.89
N HIS B 54 9.82 11.59 -8.93
CA HIS B 54 10.09 11.97 -10.32
C HIS B 54 9.93 13.48 -10.55
N GLY B 55 10.10 13.91 -11.80
CA GLY B 55 10.09 15.31 -12.20
C GLY B 55 8.91 15.75 -13.04
N PHE B 56 9.19 16.55 -14.09
CA PHE B 56 8.34 17.22 -15.08
C PHE B 56 8.68 16.70 -16.47
N PRO B 57 7.66 16.40 -17.29
CA PRO B 57 6.27 16.12 -16.98
C PRO B 57 6.15 14.62 -17.03
N GLU B 58 6.42 13.91 -15.92
CA GLU B 58 6.62 12.47 -15.94
C GLU B 58 5.54 11.70 -15.16
N SER B 59 5.90 10.53 -14.66
CA SER B 59 5.02 9.66 -13.87
C SER B 59 5.87 8.68 -13.08
N TRP B 60 5.26 8.05 -12.11
CA TRP B 60 5.99 7.04 -11.36
C TRP B 60 6.53 5.98 -12.28
N TYR B 61 5.89 5.80 -13.44
CA TYR B 61 6.31 4.75 -14.34
C TYR B 61 7.77 4.93 -14.79
N SER B 62 8.28 6.17 -14.81
CA SER B 62 9.63 6.47 -15.22
C SER B 62 10.72 5.96 -14.29
N TRP B 63 10.38 5.36 -13.14
CA TRP B 63 11.33 4.61 -12.31
C TRP B 63 11.22 3.09 -12.58
N ARG B 64 10.74 2.71 -13.77
CA ARG B 64 10.36 1.35 -14.05
C ARG B 64 11.56 0.39 -14.19
N TYR B 65 12.73 0.87 -14.60
CA TYR B 65 13.90 -0.01 -14.59
C TYR B 65 14.60 -0.07 -13.23
N GLN B 66 14.26 0.82 -12.30
CA GLN B 66 14.95 0.82 -11.03
C GLN B 66 14.10 0.24 -9.90
N ILE B 67 12.77 0.27 -10.02
CA ILE B 67 11.92 -0.27 -8.96
C ILE B 67 12.29 -1.72 -8.73
N PRO B 68 12.23 -2.57 -9.75
CA PRO B 68 12.56 -3.99 -9.57
C PRO B 68 14.00 -4.23 -9.22
N ALA B 69 14.92 -3.44 -9.74
CA ALA B 69 16.31 -3.66 -9.35
C ALA B 69 16.51 -3.38 -7.86
N LEU B 70 15.92 -2.28 -7.35
CA LEU B 70 16.10 -1.93 -5.94
C LEU B 70 15.37 -2.93 -5.04
N ALA B 71 14.21 -3.43 -5.49
CA ALA B 71 13.54 -4.47 -4.70
C ALA B 71 14.46 -5.67 -4.51
N GLN B 72 15.19 -6.07 -5.55
CA GLN B 72 16.03 -7.25 -5.40
C GLN B 72 17.22 -7.03 -4.49
N ALA B 73 17.65 -5.80 -4.31
CA ALA B 73 18.78 -5.61 -3.41
C ALA B 73 18.38 -5.57 -1.94
N GLY B 74 17.10 -5.67 -1.63
CA GLY B 74 16.66 -5.65 -0.25
C GLY B 74 16.20 -4.27 0.17
N TYR B 75 15.32 -3.68 -0.63
CA TYR B 75 14.85 -2.34 -0.39
C TYR B 75 13.36 -2.31 -0.66
N ARG B 76 12.66 -1.64 0.22
CA ARG B 76 11.22 -1.50 0.13
C ARG B 76 10.96 -0.23 -0.64
N VAL B 77 10.48 -0.37 -1.87
CA VAL B 77 10.51 0.73 -2.82
C VAL B 77 9.12 1.35 -2.95
N LEU B 78 9.09 2.70 -2.92
CA LEU B 78 7.86 3.46 -3.16
C LEU B 78 8.04 4.54 -4.24
N ALA B 79 7.36 4.37 -5.36
CA ALA B 79 7.33 5.37 -6.39
C ALA B 79 6.07 6.21 -6.29
N MET B 80 6.21 7.50 -6.47
CA MET B 80 5.09 8.39 -6.25
C MET B 80 4.55 8.99 -7.55
N ASP B 81 3.25 9.34 -7.52
CA ASP B 81 2.66 10.29 -8.46
C ASP B 81 2.64 11.63 -7.73
N MET B 82 3.58 12.52 -8.08
CA MET B 82 3.70 13.81 -7.41
C MET B 82 2.38 14.57 -7.54
N LYS B 83 2.17 15.52 -6.63
CA LYS B 83 0.91 16.23 -6.54
C LYS B 83 0.64 16.99 -7.82
N GLY B 84 -0.54 16.77 -8.39
CA GLY B 84 -0.84 17.26 -9.72
C GLY B 84 -0.64 16.26 -10.85
N TYR B 85 -0.12 15.04 -10.56
CA TYR B 85 0.14 14.03 -11.58
C TYR B 85 -0.70 12.78 -11.35
N GLY B 86 -0.98 12.10 -12.46
CA GLY B 86 -1.48 10.74 -12.47
C GLY B 86 -2.71 10.56 -11.62
N GLU B 87 -2.64 9.65 -10.67
CA GLU B 87 -3.80 9.35 -9.85
C GLU B 87 -3.86 10.17 -8.56
N SER B 88 -2.83 10.95 -8.25
CA SER B 88 -2.82 11.86 -7.13
C SER B 88 -3.59 13.15 -7.48
N SER B 89 -4.04 13.83 -6.44
CA SER B 89 -5.00 14.93 -6.57
C SER B 89 -4.37 16.13 -7.24
N ALA B 90 -5.22 16.93 -7.88
CA ALA B 90 -4.79 18.12 -8.59
C ALA B 90 -5.61 19.29 -8.10
N PRO B 91 -5.30 19.82 -6.92
CA PRO B 91 -6.03 20.98 -6.42
C PRO B 91 -5.86 22.15 -7.38
N PRO B 92 -6.90 22.96 -7.60
CA PRO B 92 -6.81 23.99 -8.65
C PRO B 92 -6.03 25.25 -8.27
N GLU B 93 -5.70 25.47 -6.98
CA GLU B 93 -4.99 26.67 -6.52
C GLU B 93 -3.48 26.53 -6.68
N ILE B 94 -2.85 27.53 -7.30
CA ILE B 94 -1.41 27.46 -7.57
C ILE B 94 -0.60 27.43 -6.30
N GLU B 95 -0.99 28.22 -5.30
CA GLU B 95 -0.23 28.26 -4.07
C GLU B 95 -0.12 26.89 -3.42
N GLU B 96 -1.05 25.99 -3.75
CA GLU B 96 -0.99 24.61 -3.27
C GLU B 96 0.24 23.88 -3.77
N TYR B 97 0.93 24.41 -4.77
CA TYR B 97 2.08 23.73 -5.32
C TYR B 97 3.40 24.41 -4.94
N CYS B 98 3.41 25.31 -3.98
CA CYS B 98 4.68 25.93 -3.61
C CYS B 98 5.54 24.93 -2.83
N MET B 99 6.85 25.19 -2.81
CA MET B 99 7.74 24.21 -2.23
C MET B 99 7.32 23.83 -0.82
N GLU B 100 7.02 24.83 0.03
CA GLU B 100 6.69 24.60 1.44
C GLU B 100 5.44 23.69 1.64
N VAL B 101 4.41 23.90 0.82
CA VAL B 101 3.21 23.08 0.94
C VAL B 101 3.51 21.62 0.61
N LEU B 102 4.35 21.37 -0.40
CA LEU B 102 4.65 19.99 -0.79
C LEU B 102 5.49 19.27 0.27
N CYS B 103 6.48 19.93 0.84
CA CYS B 103 7.35 19.21 1.76
C CYS B 103 6.56 18.76 2.97
N LYS B 104 5.68 19.62 3.49
CA LYS B 104 4.94 19.19 4.65
C LYS B 104 4.07 17.98 4.33
N GLU B 105 3.46 17.96 3.15
CA GLU B 105 2.56 16.86 2.81
C GLU B 105 3.32 15.54 2.66
N MET B 106 4.53 15.60 2.12
CA MET B 106 5.38 14.43 2.11
C MET B 106 5.58 13.93 3.53
N VAL B 107 5.67 14.84 4.50
CA VAL B 107 5.85 14.44 5.89
C VAL B 107 4.57 13.81 6.44
N THR B 108 3.45 14.46 6.18
CA THR B 108 2.15 13.87 6.49
C THR B 108 2.00 12.51 5.83
N PHE B 109 2.57 12.33 4.64
CA PHE B 109 2.59 11.01 3.99
C PHE B 109 3.26 9.97 4.88
N LEU B 110 4.51 10.21 5.25
CA LEU B 110 5.23 9.21 6.03
C LEU B 110 4.48 8.90 7.32
N ASP B 111 3.91 9.93 7.98
CA ASP B 111 3.28 9.72 9.29
C ASP B 111 2.19 8.66 9.19
N LYS B 112 1.34 8.77 8.16
CA LYS B 112 0.22 7.89 7.96
C LYS B 112 0.61 6.53 7.45
N LEU B 113 1.91 6.24 7.38
CA LEU B 113 2.36 4.90 7.06
C LEU B 113 3.19 4.31 8.18
N GLY B 114 3.31 5.01 9.30
CA GLY B 114 4.15 4.49 10.35
C GLY B 114 5.60 4.56 10.03
N LEU B 115 5.98 5.37 9.06
CA LEU B 115 7.37 5.46 8.62
C LEU B 115 8.08 6.59 9.36
N SER B 116 9.10 6.22 10.13
CA SER B 116 9.81 7.20 10.93
C SER B 116 10.75 8.03 10.07
N GLN B 117 11.33 7.39 9.05
CA GLN B 117 12.34 8.03 8.21
C GLN B 117 12.28 7.37 6.84
N ALA B 118 13.06 7.90 5.90
CA ALA B 118 13.09 7.34 4.56
C ALA B 118 14.35 7.79 3.83
N VAL B 119 14.64 7.10 2.73
CA VAL B 119 15.64 7.51 1.76
C VAL B 119 14.91 8.19 0.61
N PHE B 120 15.47 9.28 0.12
CA PHE B 120 14.85 10.03 -0.96
C PHE B 120 15.82 10.16 -2.11
N ILE B 121 15.30 9.97 -3.33
CA ILE B 121 16.04 9.93 -4.58
C ILE B 121 15.12 10.58 -5.59
N GLY B 122 15.49 11.76 -6.06
CA GLY B 122 14.60 12.57 -6.88
C GLY B 122 15.27 13.00 -8.16
N HIS B 123 14.47 13.19 -9.21
CA HIS B 123 14.96 13.52 -10.53
C HIS B 123 14.19 14.72 -11.05
N ASP B 124 14.92 15.70 -11.59
CA ASP B 124 14.38 16.95 -12.10
C ASP B 124 13.77 17.70 -10.91
N TRP B 125 12.54 18.24 -11.04
CA TRP B 125 11.92 18.99 -9.95
C TRP B 125 11.98 18.21 -8.65
N GLY B 126 11.63 16.91 -8.70
CA GLY B 126 11.77 16.11 -7.50
C GLY B 126 13.16 16.15 -6.90
N GLY B 127 14.17 16.45 -7.70
CA GLY B 127 15.49 16.58 -7.12
C GLY B 127 15.51 17.70 -6.10
N MET B 128 14.91 18.83 -6.46
CA MET B 128 14.86 19.95 -5.54
C MET B 128 14.16 19.56 -4.25
N LEU B 129 13.02 18.88 -4.39
CA LEU B 129 12.26 18.48 -3.24
C LEU B 129 13.10 17.64 -2.30
N VAL B 130 13.72 16.56 -2.80
CA VAL B 130 14.52 15.82 -1.85
C VAL B 130 15.59 16.72 -1.26
N TRP B 131 16.09 17.68 -2.05
CA TRP B 131 17.09 18.59 -1.49
C TRP B 131 16.51 19.40 -0.35
N TYR B 132 15.32 19.93 -0.55
CA TYR B 132 14.60 20.71 0.44
C TYR B 132 13.99 19.89 1.58
N MET B 133 13.88 18.54 1.50
CA MET B 133 13.47 17.83 2.72
C MET B 133 14.63 17.71 3.69
N ALA B 134 15.83 17.47 3.19
CA ALA B 134 17.00 17.24 4.05
C ALA B 134 17.44 18.51 4.75
N LEU B 135 17.03 19.67 4.24
CA LEU B 135 17.30 20.92 4.96
C LEU B 135 16.28 21.08 6.09
N PHE B 136 15.01 21.12 5.74
CA PHE B 136 14.01 21.47 6.72
C PHE B 136 13.47 20.30 7.53
N TYR B 137 13.58 19.05 7.06
CA TYR B 137 13.07 17.91 7.84
C TYR B 137 14.14 16.83 8.01
N PRO B 138 15.35 17.22 8.38
CA PRO B 138 16.44 16.25 8.36
C PRO B 138 16.24 15.08 9.29
N GLU B 139 15.32 15.17 10.25
CA GLU B 139 15.14 14.04 11.15
C GLU B 139 14.28 12.95 10.54
N ARG B 140 13.47 13.28 9.54
CA ARG B 140 12.69 12.28 8.84
C ARG B 140 13.44 11.67 7.65
N VAL B 141 14.54 12.27 7.21
CA VAL B 141 15.26 11.82 6.02
C VAL B 141 16.44 10.98 6.44
N ARG B 142 16.45 9.71 5.99
CA ARG B 142 17.58 8.84 6.26
C ARG B 142 18.82 9.27 5.49
N ALA B 143 18.71 9.40 4.16
CA ALA B 143 19.82 9.81 3.31
C ALA B 143 19.29 10.33 1.97
N VAL B 144 20.11 11.09 1.23
CA VAL B 144 19.62 11.76 0.02
C VAL B 144 20.59 11.56 -1.16
N ALA B 145 20.01 11.41 -2.35
CA ALA B 145 20.74 11.18 -3.58
C ALA B 145 19.94 11.84 -4.69
N SER B 146 20.62 12.47 -5.65
CA SER B 146 19.95 13.15 -6.75
C SER B 146 20.60 12.95 -8.12
N LEU B 147 19.74 12.92 -9.14
CA LEU B 147 20.11 12.75 -10.54
C LEU B 147 19.84 14.04 -11.32
N ASN B 148 20.89 14.65 -11.83
CA ASN B 148 20.78 15.89 -12.56
C ASN B 148 20.62 17.11 -11.64
N THR B 149 19.55 17.21 -10.88
CA THR B 149 19.32 18.43 -10.13
C THR B 149 20.46 18.66 -9.16
N PRO B 150 21.14 19.79 -9.22
CA PRO B 150 22.12 20.12 -8.19
C PRO B 150 21.45 20.93 -7.07
N PHE B 151 22.07 20.91 -5.90
CA PHE B 151 21.62 21.75 -4.79
C PHE B 151 22.36 23.10 -4.80
N ILE B 152 21.62 24.19 -4.90
CA ILE B 152 22.25 25.51 -5.04
C ILE B 152 21.77 26.52 -3.99
N PRO B 153 22.62 26.93 -3.06
CA PRO B 153 22.19 27.88 -2.01
C PRO B 153 21.58 29.18 -2.54
N ALA B 154 20.55 29.64 -1.85
CA ALA B 154 19.90 30.89 -2.21
C ALA B 154 20.88 32.07 -2.15
N ASN B 155 20.59 33.09 -2.94
CA ASN B 155 21.25 34.37 -2.78
C ASN B 155 20.25 35.42 -2.37
N PRO B 156 20.44 36.07 -1.22
CA PRO B 156 19.42 37.00 -0.72
C PRO B 156 19.35 38.29 -1.52
N ASN B 157 20.22 38.46 -2.52
CA ASN B 157 20.36 39.71 -3.26
C ASN B 157 20.01 39.58 -4.74
N MET B 158 19.40 38.46 -5.16
CA MET B 158 18.97 38.22 -6.54
C MET B 158 17.48 37.91 -6.55
N SER B 159 16.66 38.82 -7.05
CA SER B 159 15.26 38.50 -7.23
C SER B 159 15.14 37.32 -8.18
N PRO B 160 14.03 36.59 -8.14
CA PRO B 160 13.92 35.40 -8.99
C PRO B 160 14.09 35.69 -10.47
N LEU B 161 13.49 36.78 -10.97
CA LEU B 161 13.68 37.18 -12.34
C LEU B 161 15.13 37.49 -12.67
N GLU B 162 15.94 37.78 -11.65
CA GLU B 162 17.31 38.19 -11.92
C GLU B 162 18.16 37.01 -12.35
N SER B 163 18.09 35.92 -11.60
CA SER B 163 18.89 34.78 -12.01
C SER B 163 18.40 34.14 -13.30
N ILE B 164 17.20 34.50 -13.78
CA ILE B 164 16.78 34.00 -15.09
C ILE B 164 17.34 34.89 -16.20
N LYS B 165 17.32 36.21 -16.00
CA LYS B 165 17.98 37.11 -16.94
C LYS B 165 19.44 36.72 -17.17
N ALA B 166 20.18 36.52 -16.08
CA ALA B 166 21.58 36.16 -16.17
C ALA B 166 21.82 34.78 -16.79
N ASN B 167 20.77 34.01 -17.11
CA ASN B 167 20.91 32.76 -17.84
C ASN B 167 19.74 32.56 -18.79
N PRO B 168 19.87 33.05 -20.02
CA PRO B 168 18.77 32.91 -20.98
C PRO B 168 18.50 31.48 -21.40
N VAL B 169 19.31 30.52 -20.96
CA VAL B 169 18.93 29.13 -21.18
C VAL B 169 17.59 28.83 -20.54
N PHE B 170 17.28 29.50 -19.43
CA PHE B 170 16.01 29.41 -18.69
C PHE B 170 14.92 30.31 -19.25
N ASP B 171 15.00 30.69 -20.52
CA ASP B 171 13.98 31.58 -21.04
C ASP B 171 12.61 30.92 -20.99
N TYR B 172 12.57 29.59 -21.13
CA TYR B 172 11.29 28.87 -21.16
C TYR B 172 10.46 29.06 -19.89
N GLN B 173 11.10 29.39 -18.77
CA GLN B 173 10.37 29.59 -17.54
C GLN B 173 9.47 30.81 -17.62
N LEU B 174 9.88 31.84 -18.32
CA LEU B 174 8.97 32.97 -18.46
C LEU B 174 7.74 32.57 -19.26
N TYR B 175 7.95 31.77 -20.29
CA TYR B 175 6.81 31.32 -21.09
C TYR B 175 5.82 30.53 -20.26
N PHE B 176 6.29 29.92 -19.18
CA PHE B 176 5.44 29.05 -18.38
C PHE B 176 4.56 29.80 -17.41
N GLN B 177 4.93 31.04 -17.04
CA GLN B 177 4.29 31.67 -15.89
C GLN B 177 2.81 31.95 -16.11
N GLU B 178 2.38 32.23 -17.34
CA GLU B 178 1.00 32.67 -17.57
C GLU B 178 0.04 31.50 -17.68
N PRO B 179 -0.98 31.43 -16.85
CA PRO B 179 -1.95 30.34 -16.97
C PRO B 179 -2.58 30.29 -18.35
N GLY B 180 -2.72 29.08 -18.87
CA GLY B 180 -3.40 28.88 -20.13
C GLY B 180 -2.45 28.72 -21.29
N VAL B 181 -1.49 29.63 -21.38
CA VAL B 181 -0.62 29.69 -22.54
C VAL B 181 0.01 28.34 -22.71
N ALA B 182 1.07 28.09 -21.96
CA ALA B 182 1.83 26.85 -22.14
C ALA B 182 0.92 25.61 -22.11
N GLU B 183 -0.12 25.64 -21.29
CA GLU B 183 -1.06 24.53 -21.26
C GLU B 183 -1.57 24.23 -22.67
N ALA B 184 -2.04 25.27 -23.37
CA ALA B 184 -2.61 25.04 -24.69
C ALA B 184 -1.65 24.27 -25.59
N GLU B 185 -0.36 24.62 -25.56
CA GLU B 185 0.59 23.96 -26.44
C GLU B 185 0.77 22.50 -26.06
N LEU B 186 0.99 22.23 -24.77
CA LEU B 186 1.25 20.85 -24.35
C LEU B 186 0.03 19.95 -24.45
N GLU B 187 -1.18 20.49 -24.40
CA GLU B 187 -2.41 19.70 -24.35
C GLU B 187 -3.07 19.57 -25.72
N GLN B 188 -2.52 20.22 -26.74
CA GLN B 188 -3.08 20.11 -28.08
C GLN B 188 -3.06 18.67 -28.59
N ASN B 189 -1.89 18.04 -28.62
CA ASN B 189 -1.75 16.64 -29.00
C ASN B 189 -0.83 15.94 -28.00
N LEU B 190 -1.40 15.14 -27.12
CA LEU B 190 -0.55 14.57 -26.10
C LEU B 190 0.49 13.63 -26.70
N SER B 191 0.15 12.92 -27.79
CA SER B 191 1.06 11.92 -28.34
C SER B 191 2.26 12.56 -29.01
N ARG B 192 2.04 13.66 -29.73
CA ARG B 192 3.16 14.37 -30.32
C ARG B 192 4.06 14.91 -29.22
N THR B 193 3.44 15.47 -28.17
CA THR B 193 4.18 16.08 -27.07
C THR B 193 5.23 15.13 -26.52
N PHE B 194 4.81 13.95 -26.08
CA PHE B 194 5.76 13.07 -25.42
C PHE B 194 6.78 12.54 -26.40
N LYS B 195 6.36 12.25 -27.60
CA LYS B 195 7.36 11.91 -28.60
C LYS B 195 8.40 13.02 -28.72
N SER B 196 8.01 14.27 -28.41
CA SER B 196 8.90 15.42 -28.57
C SER B 196 9.90 15.52 -27.42
N LEU B 197 9.44 15.40 -26.18
CA LEU B 197 10.26 15.58 -24.99
C LEU B 197 11.14 14.36 -24.74
N PHE B 198 10.59 13.16 -24.91
CA PHE B 198 11.25 11.91 -24.53
C PHE B 198 12.14 11.41 -25.67
N ARG B 199 13.34 12.02 -25.80
CA ARG B 199 14.32 11.65 -26.84
C ARG B 199 15.73 11.78 -26.27
N ALA B 200 16.73 11.21 -26.96
CA ALA B 200 18.11 11.31 -26.47
C ALA B 200 18.81 12.57 -27.02
N SER B 201 19.96 12.90 -26.42
CA SER B 201 20.58 14.18 -26.71
C SER B 201 20.90 14.31 -28.18
N ASP B 202 21.44 13.24 -28.79
CA ASP B 202 21.86 13.24 -30.18
C ASP B 202 20.71 13.13 -31.17
N GLU B 203 19.48 12.88 -30.71
CA GLU B 203 18.29 12.94 -31.56
C GLU B 203 17.44 14.16 -31.25
N SER B 204 17.88 14.98 -30.28
CA SER B 204 17.04 16.03 -29.73
C SER B 204 16.47 16.91 -30.83
N VAL B 205 15.19 17.27 -30.70
CA VAL B 205 14.53 18.10 -31.69
C VAL B 205 13.97 19.36 -31.05
N LEU B 206 14.62 19.84 -29.99
CA LEU B 206 14.18 21.03 -29.27
C LEU B 206 15.27 22.09 -29.28
N SER B 207 14.87 23.35 -29.38
CA SER B 207 15.75 24.48 -29.14
C SER B 207 15.17 25.28 -27.98
N MET B 208 15.97 25.47 -26.92
CA MET B 208 15.47 26.21 -25.78
C MET B 208 15.71 27.71 -25.89
N HIS B 209 16.10 28.15 -27.08
CA HIS B 209 16.54 29.51 -27.34
C HIS B 209 15.34 30.38 -27.70
N LYS B 210 15.24 31.57 -27.10
CA LYS B 210 14.16 32.55 -27.35
C LYS B 210 12.80 31.85 -27.40
N VAL B 211 12.55 31.03 -26.38
CA VAL B 211 11.34 30.23 -26.37
C VAL B 211 10.12 31.12 -26.28
N CYS B 212 10.17 32.16 -25.43
CA CYS B 212 9.06 33.13 -25.35
C CYS B 212 8.90 33.87 -26.67
N GLU B 213 9.98 33.98 -27.42
CA GLU B 213 9.98 34.85 -28.59
C GLU B 213 9.19 34.24 -29.73
N ALA B 214 9.40 32.96 -30.01
CA ALA B 214 8.68 32.31 -31.10
C ALA B 214 7.21 32.13 -30.81
N GLY B 215 6.79 32.22 -29.54
CA GLY B 215 5.39 32.03 -29.20
C GLY B 215 4.99 30.67 -28.63
N GLY B 216 5.93 29.90 -28.12
CA GLY B 216 5.64 28.58 -27.62
C GLY B 216 6.92 27.78 -27.67
N LEU B 217 6.82 26.49 -27.35
CA LEU B 217 8.01 25.65 -27.18
C LEU B 217 8.26 24.75 -28.39
N PHE B 218 7.26 23.95 -28.76
CA PHE B 218 7.38 23.08 -29.93
C PHE B 218 7.10 23.84 -31.23
N VAL B 219 7.59 25.06 -31.37
CA VAL B 219 7.10 25.85 -32.50
C VAL B 219 7.82 25.45 -33.77
N ASN B 220 9.13 25.21 -33.67
CA ASN B 220 9.92 24.69 -34.77
C ASN B 220 10.15 23.19 -34.66
N SER B 221 9.37 22.52 -33.88
CA SER B 221 9.60 21.09 -33.75
C SER B 221 8.63 20.33 -34.60
N PRO B 222 9.11 19.35 -35.40
CA PRO B 222 8.28 18.76 -36.46
C PRO B 222 6.88 18.30 -36.04
N GLU B 223 6.01 18.16 -37.04
CA GLU B 223 4.61 17.85 -36.80
C GLU B 223 4.36 16.37 -36.54
N GLU B 224 5.00 15.46 -37.28
CA GLU B 224 4.80 14.04 -37.06
C GLU B 224 6.10 13.42 -36.57
N PRO B 225 6.39 13.46 -35.28
CA PRO B 225 7.67 12.94 -34.79
C PRO B 225 7.82 11.43 -34.93
N SER B 226 9.07 10.98 -35.07
CA SER B 226 9.42 9.58 -35.00
C SER B 226 9.64 9.14 -33.55
N LEU B 227 9.50 7.83 -33.30
CA LEU B 227 9.73 7.30 -31.97
C LEU B 227 11.22 7.27 -31.64
N SER B 228 11.59 7.78 -30.47
CA SER B 228 12.98 7.72 -30.06
C SER B 228 13.45 6.29 -29.85
N ARG B 229 14.76 6.16 -29.63
CA ARG B 229 15.31 4.83 -29.44
C ARG B 229 15.04 4.26 -28.06
N MET B 230 14.83 5.11 -27.05
CA MET B 230 14.72 4.69 -25.66
C MET B 230 13.32 4.20 -25.29
N VAL B 231 12.29 4.53 -26.08
CA VAL B 231 10.90 4.29 -25.72
C VAL B 231 10.18 3.56 -26.85
N THR B 232 9.09 2.90 -26.49
CA THR B 232 8.21 2.21 -27.41
C THR B 232 6.92 2.98 -27.61
N GLU B 233 6.18 2.62 -28.65
CA GLU B 233 4.87 3.21 -28.86
C GLU B 233 3.91 2.90 -27.72
N GLU B 234 4.15 1.81 -26.99
CA GLU B 234 3.30 1.54 -25.84
C GLU B 234 3.63 2.51 -24.72
N GLU B 235 4.88 2.49 -24.27
CA GLU B 235 5.20 3.25 -23.07
C GLU B 235 4.73 4.69 -23.22
N ILE B 236 4.68 5.19 -24.45
CA ILE B 236 4.10 6.50 -24.75
C ILE B 236 2.61 6.56 -24.44
N GLN B 237 1.86 5.51 -24.79
CA GLN B 237 0.41 5.56 -24.55
C GLN B 237 0.09 5.74 -23.08
N PHE B 238 0.88 5.13 -22.22
CA PHE B 238 0.73 5.31 -20.78
C PHE B 238 0.77 6.77 -20.42
N TYR B 239 1.91 7.41 -20.70
CA TYR B 239 2.04 8.83 -20.42
C TYR B 239 0.91 9.64 -21.06
N VAL B 240 0.51 9.33 -22.30
CA VAL B 240 -0.58 10.12 -22.87
C VAL B 240 -1.85 9.93 -22.06
N GLN B 241 -2.13 8.70 -21.69
CA GLN B 241 -3.39 8.43 -21.04
C GLN B 241 -3.43 9.05 -19.64
N GLN B 242 -2.29 9.11 -18.94
CA GLN B 242 -2.29 9.68 -17.59
C GLN B 242 -2.59 11.16 -17.58
N PHE B 243 -2.01 11.91 -18.51
CA PHE B 243 -2.21 13.35 -18.55
C PHE B 243 -3.53 13.64 -19.25
N LYS B 244 -4.46 12.70 -19.18
CA LYS B 244 -5.84 12.92 -19.57
C LYS B 244 -6.74 12.99 -18.35
N LYS B 245 -6.30 12.41 -17.23
CA LYS B 245 -7.13 12.54 -16.05
C LYS B 245 -6.94 13.89 -15.42
N SER B 246 -5.73 14.41 -15.42
CA SER B 246 -5.47 15.60 -14.66
C SER B 246 -5.30 16.84 -15.50
N GLY B 247 -4.61 16.73 -16.63
CA GLY B 247 -4.29 17.90 -17.41
C GLY B 247 -2.85 18.36 -17.17
N PHE B 248 -2.55 19.57 -17.64
CA PHE B 248 -1.21 20.11 -17.47
C PHE B 248 -1.15 21.30 -16.52
N ARG B 249 -2.29 21.84 -16.09
CA ARG B 249 -2.26 22.94 -15.15
C ARG B 249 -1.43 22.58 -13.93
N GLY B 250 -1.64 21.38 -13.40
CA GLY B 250 -0.92 20.95 -12.24
C GLY B 250 0.58 21.01 -12.42
N PRO B 251 1.11 20.19 -13.34
CA PRO B 251 2.58 20.16 -13.54
C PRO B 251 3.20 21.52 -13.73
N LEU B 252 2.57 22.40 -14.49
CA LEU B 252 3.13 23.72 -14.72
C LEU B 252 3.03 24.63 -13.48
N ASN B 253 2.00 24.45 -12.65
CA ASN B 253 1.92 25.29 -11.46
C ASN B 253 3.13 25.09 -10.56
N TRP B 254 3.87 23.99 -10.74
CA TRP B 254 5.09 23.84 -9.95
C TRP B 254 6.08 24.96 -10.26
N TYR B 255 5.91 25.66 -11.39
CA TYR B 255 6.84 26.72 -11.79
C TYR B 255 6.41 28.09 -11.29
N ARG B 256 5.17 28.21 -10.83
CA ARG B 256 4.58 29.53 -10.64
C ARG B 256 4.56 29.98 -9.18
N ASN B 257 5.52 29.50 -8.37
CA ASN B 257 5.64 29.89 -6.98
C ASN B 257 7.06 30.34 -6.67
N MET B 258 7.73 30.97 -7.64
CA MET B 258 9.17 31.16 -7.47
C MET B 258 9.49 32.12 -6.34
N GLU B 259 8.77 33.22 -6.24
CA GLU B 259 9.11 34.16 -5.20
C GLU B 259 9.05 33.45 -3.86
N ARG B 260 7.87 32.94 -3.53
CA ARG B 260 7.66 32.21 -2.28
C ARG B 260 8.72 31.15 -2.10
N ASN B 261 9.10 30.48 -3.19
CA ASN B 261 10.15 29.48 -3.09
C ASN B 261 11.44 30.15 -2.69
N TRP B 262 11.73 31.30 -3.31
CA TRP B 262 12.92 32.06 -2.97
C TRP B 262 12.90 32.48 -1.50
N LYS B 263 11.77 33.02 -1.05
CA LYS B 263 11.68 33.50 0.33
C LYS B 263 11.84 32.36 1.31
N TRP B 264 11.07 31.30 1.13
CA TRP B 264 11.20 30.12 1.99
C TRP B 264 12.65 29.66 2.03
N ALA B 265 13.28 29.56 0.87
CA ALA B 265 14.66 29.09 0.87
C ALA B 265 15.54 30.05 1.65
N CYS B 266 15.29 31.36 1.49
CA CYS B 266 16.10 32.36 2.15
C CYS B 266 16.13 32.17 3.65
N LYS B 267 15.13 31.49 4.17
CA LYS B 267 15.04 31.30 5.60
C LYS B 267 15.97 30.21 6.09
N SER B 268 16.56 29.41 5.21
CA SER B 268 17.42 28.35 5.71
C SER B 268 18.53 28.93 6.57
N LEU B 269 18.90 30.18 6.33
CA LEU B 269 19.91 30.85 7.16
C LEU B 269 21.28 30.21 6.97
N GLY B 270 21.65 29.97 5.71
CA GLY B 270 22.95 29.41 5.42
C GLY B 270 23.36 28.21 6.26
N ARG B 271 22.46 27.22 6.40
CA ARG B 271 22.67 26.00 7.16
C ARG B 271 23.48 24.97 6.38
N LYS B 272 23.80 23.83 7.02
CA LYS B 272 24.54 22.77 6.33
C LYS B 272 23.86 21.41 6.44
N ILE B 273 23.65 20.79 5.28
CA ILE B 273 23.23 19.40 5.18
C ILE B 273 24.41 18.49 5.53
N LEU B 274 24.19 17.53 6.41
CA LEU B 274 25.30 16.63 6.77
C LEU B 274 24.93 15.15 6.79
N ILE B 275 23.71 14.78 6.37
CA ILE B 275 23.38 13.36 6.40
C ILE B 275 24.00 12.75 5.16
N PRO B 276 24.10 11.43 5.07
CA PRO B 276 24.72 10.82 3.89
C PRO B 276 24.01 11.23 2.61
N ALA B 277 24.81 11.69 1.63
CA ALA B 277 24.32 12.36 0.43
C ALA B 277 25.16 11.96 -0.79
N LEU B 278 24.55 12.06 -1.98
CA LEU B 278 25.15 11.61 -3.24
C LEU B 278 24.59 12.45 -4.40
N MET B 279 25.47 12.92 -5.28
CA MET B 279 25.06 13.70 -6.45
C MET B 279 25.50 12.95 -7.68
N VAL B 280 24.59 12.79 -8.64
CA VAL B 280 24.94 12.09 -9.86
C VAL B 280 24.63 13.02 -11.04
N THR B 281 25.67 13.35 -11.77
CA THR B 281 25.55 14.25 -12.89
C THR B 281 25.53 13.47 -14.18
N ALA B 282 24.83 14.00 -15.16
CA ALA B 282 24.81 13.41 -16.48
C ALA B 282 25.60 14.34 -17.41
N GLU B 283 26.34 13.76 -18.35
CA GLU B 283 27.27 14.57 -19.09
C GLU B 283 26.65 15.27 -20.30
N LYS B 284 25.47 14.87 -20.76
CA LYS B 284 24.83 15.52 -21.90
C LYS B 284 23.55 16.25 -21.49
N ASP B 285 23.40 16.52 -20.20
CA ASP B 285 22.26 17.30 -19.74
C ASP B 285 22.61 18.76 -19.98
N PHE B 286 22.02 19.33 -21.03
CA PHE B 286 22.38 20.68 -21.41
C PHE B 286 21.64 21.76 -20.64
N VAL B 287 20.66 21.40 -19.79
CA VAL B 287 19.99 22.37 -18.93
C VAL B 287 20.48 22.23 -17.49
N LEU B 288 20.26 21.05 -16.88
CA LEU B 288 20.88 20.78 -15.57
C LEU B 288 22.32 20.31 -15.83
N VAL B 289 23.18 21.26 -16.18
CA VAL B 289 24.51 20.93 -16.69
C VAL B 289 25.45 20.60 -15.54
N PRO B 290 26.43 19.72 -15.72
CA PRO B 290 27.19 19.23 -14.56
C PRO B 290 27.92 20.31 -13.79
N GLN B 291 28.52 21.28 -14.48
CA GLN B 291 29.28 22.29 -13.75
C GLN B 291 28.45 22.97 -12.67
N MET B 292 27.13 22.86 -12.76
CA MET B 292 26.27 23.55 -11.80
C MET B 292 26.44 23.04 -10.37
N SER B 293 27.17 21.96 -10.15
CA SER B 293 27.32 21.43 -8.80
C SER B 293 28.75 21.56 -8.31
N GLN B 294 29.53 22.43 -8.95
CA GLN B 294 30.98 22.39 -8.80
C GLN B 294 31.44 22.47 -7.34
N HIS B 295 30.77 23.25 -6.51
CA HIS B 295 31.21 23.41 -5.13
C HIS B 295 30.15 23.02 -4.10
N MET B 296 29.21 22.16 -4.48
CA MET B 296 28.11 21.81 -3.57
C MET B 296 28.66 21.21 -2.27
N GLU B 297 29.98 21.04 -2.17
CA GLU B 297 30.53 20.40 -0.98
C GLU B 297 30.65 21.35 0.19
N ASP B 298 30.74 22.65 -0.07
CA ASP B 298 30.94 23.60 1.02
C ASP B 298 29.77 23.56 1.99
N TRP B 299 28.57 23.28 1.51
CA TRP B 299 27.43 23.17 2.39
C TRP B 299 26.99 21.74 2.61
N ILE B 300 27.48 20.80 1.81
CA ILE B 300 27.08 19.41 1.98
C ILE B 300 28.32 18.54 2.15
N PRO B 301 28.85 18.46 3.36
CA PRO B 301 29.88 17.46 3.66
C PRO B 301 29.28 16.05 3.72
N HIS B 302 30.15 15.05 3.74
CA HIS B 302 29.77 13.64 3.58
C HIS B 302 29.16 13.36 2.20
N LEU B 303 29.35 14.27 1.25
CA LEU B 303 28.71 14.18 -0.07
C LEU B 303 29.61 13.37 -0.99
N LYS B 304 29.06 12.27 -1.53
CA LYS B 304 29.66 11.47 -2.57
C LYS B 304 29.14 11.95 -3.95
N ARG B 305 29.78 11.47 -5.03
CA ARG B 305 29.42 11.91 -6.39
C ARG B 305 29.33 10.74 -7.33
N GLY B 306 28.58 10.94 -8.39
CA GLY B 306 28.62 10.06 -9.56
C GLY B 306 28.46 10.88 -10.82
N HIS B 307 29.02 10.35 -11.92
CA HIS B 307 28.99 10.93 -13.25
C HIS B 307 28.84 9.81 -14.27
N ILE B 308 28.01 10.07 -15.27
CA ILE B 308 27.77 9.09 -16.32
C ILE B 308 27.91 9.80 -17.66
N GLU B 309 28.37 9.06 -18.64
CA GLU B 309 28.72 9.66 -19.91
C GLU B 309 27.83 9.09 -20.98
N ASP B 310 27.63 9.90 -22.01
CA ASP B 310 26.69 9.65 -23.08
C ASP B 310 25.26 9.80 -22.61
N CYS B 311 25.06 10.38 -21.42
CA CYS B 311 23.80 10.33 -20.68
C CYS B 311 23.13 11.69 -20.74
N GLY B 312 21.91 11.74 -21.29
CA GLY B 312 21.20 12.99 -21.44
C GLY B 312 20.42 13.32 -20.19
N HIS B 313 19.24 13.90 -20.33
CA HIS B 313 18.42 14.28 -19.18
C HIS B 313 17.66 13.07 -18.59
N TRP B 314 16.94 12.32 -19.43
CA TRP B 314 16.10 11.22 -18.96
C TRP B 314 16.96 10.08 -18.46
N THR B 315 17.75 10.41 -17.46
CA THR B 315 18.79 9.53 -16.96
C THR B 315 18.28 8.13 -16.68
N GLN B 316 17.15 8.01 -16.00
CA GLN B 316 16.72 6.68 -15.60
C GLN B 316 16.47 5.77 -16.80
N MET B 317 16.01 6.32 -17.93
CA MET B 317 15.69 5.53 -19.12
C MET B 317 16.92 5.28 -19.99
N ASP B 318 17.78 6.30 -20.06
CA ASP B 318 18.96 6.32 -20.92
C ASP B 318 19.97 5.27 -20.49
N LYS B 319 20.46 5.35 -19.25
CA LYS B 319 21.56 4.51 -18.77
C LYS B 319 21.06 3.78 -17.54
N PRO B 320 20.09 2.89 -17.72
CA PRO B 320 19.44 2.30 -16.53
C PRO B 320 20.36 1.43 -15.72
N THR B 321 21.29 0.71 -16.37
CA THR B 321 22.23 -0.15 -15.65
C THR B 321 23.18 0.65 -14.75
N GLU B 322 23.75 1.75 -15.28
CA GLU B 322 24.71 2.52 -14.50
C GLU B 322 24.04 3.09 -13.25
N VAL B 323 22.92 3.78 -13.46
CA VAL B 323 22.06 4.34 -12.42
C VAL B 323 21.89 3.36 -11.27
N ASN B 324 21.52 2.12 -11.61
CA ASN B 324 21.33 1.07 -10.62
C ASN B 324 22.61 0.76 -9.87
N GLN B 325 23.72 0.57 -10.58
CA GLN B 325 24.96 0.17 -9.91
C GLN B 325 25.41 1.23 -8.93
N ILE B 326 25.29 2.50 -9.31
CA ILE B 326 25.73 3.54 -8.40
C ILE B 326 24.81 3.63 -7.19
N LEU B 327 23.50 3.77 -7.43
CA LEU B 327 22.52 3.81 -6.36
C LEU B 327 22.66 2.61 -5.43
N ILE B 328 22.58 1.40 -5.97
CA ILE B 328 22.60 0.23 -5.11
C ILE B 328 23.84 0.22 -4.22
N LYS B 329 25.02 0.40 -4.80
CA LYS B 329 26.22 0.31 -3.98
C LYS B 329 26.23 1.39 -2.91
N TRP B 330 25.62 2.54 -3.19
CA TRP B 330 25.58 3.62 -2.23
C TRP B 330 24.55 3.30 -1.15
N LEU B 331 23.43 2.65 -1.51
CA LEU B 331 22.49 2.20 -0.49
C LEU B 331 23.17 1.24 0.49
N ASP B 332 24.05 0.38 -0.01
CA ASP B 332 24.68 -0.55 0.92
C ASP B 332 25.92 0.04 1.61
N SER B 333 26.60 1.01 0.99
CA SER B 333 27.84 1.47 1.62
C SER B 333 27.59 2.49 2.73
N ASP B 334 26.62 3.37 2.56
CA ASP B 334 26.41 4.46 3.52
C ASP B 334 24.94 4.76 3.78
#